data_4Z1B
#
_entry.id   4Z1B
#
_cell.length_a   139.859
_cell.length_b   50.869
_cell.length_c   78.302
_cell.angle_alpha   90.00
_cell.angle_beta   104.74
_cell.angle_gamma   90.00
#
_symmetry.space_group_name_H-M   'C 1 2 1'
#
loop_
_entity.id
_entity.type
_entity.pdbx_description
1 polymer '2-dehydro-3-deoxyphosphooctonate aldolase'
2 water water
#
_entity_poly.entity_id   1
_entity_poly.type   'polypeptide(L)'
_entity_poly.pdbx_seq_one_letter_code
;MKTSKTKTPKSVLIAGPCVIESLENLRSIATKLQPLANNERLDFYFKASFDKANRTSLESYRGPGLEKGLEMLQTIKEEF
GYKILTDVHESYQASVAAKVADILQIPAFLCRQTDLIVEVSQTNAIVNIKKGQFMNPKDMQYSVLKALKTRDKSIQSPTY
ETALKNGVWLCERGSSFGYGNLVVDMRSLKIMREFAPVIFDATASVQMPGGANGKSSGDSSFAPILARAAAAVGIDGLFA
ETHVDPKNALSDGANMLKPDELEQLVTDMLKIQNLF
;
_entity_poly.pdbx_strand_id   A,B
#
# COMPACT_ATOMS: atom_id res chain seq x y z
N LYS A 10 -5.67 -21.90 23.02
CA LYS A 10 -4.19 -21.80 22.82
C LYS A 10 -3.85 -20.45 22.21
N SER A 11 -2.78 -19.82 22.68
CA SER A 11 -2.26 -18.67 22.00
C SER A 11 -1.55 -19.10 20.73
N VAL A 12 -1.72 -18.29 19.70
CA VAL A 12 -1.11 -18.52 18.41
C VAL A 12 0.34 -18.00 18.39
N LEU A 13 1.22 -18.80 17.81
CA LEU A 13 2.55 -18.37 17.47
C LEU A 13 2.70 -18.63 16.02
N ILE A 14 3.11 -17.59 15.32
CA ILE A 14 3.46 -17.67 13.92
C ILE A 14 4.94 -17.28 13.83
N ALA A 15 5.75 -18.14 13.28
CA ALA A 15 7.17 -17.86 13.26
C ALA A 15 7.80 -18.48 12.03
N GLY A 16 8.77 -17.77 11.49
CA GLY A 16 9.57 -18.25 10.39
C GLY A 16 10.37 -17.10 9.78
N PRO A 17 11.17 -17.40 8.74
CA PRO A 17 12.00 -16.35 8.14
C PRO A 17 11.18 -15.37 7.30
N CYS A 18 11.81 -14.26 6.97
CA CYS A 18 11.18 -13.25 6.17
C CYS A 18 10.87 -13.83 4.80
N VAL A 19 11.85 -14.44 4.17
CA VAL A 19 11.69 -14.92 2.81
C VAL A 19 12.25 -16.34 2.67
N ILE A 20 11.74 -17.07 1.67
CA ILE A 20 12.29 -18.39 1.38
C ILE A 20 13.62 -18.22 0.67
N GLU A 21 14.69 -18.66 1.30
CA GLU A 21 16.03 -18.49 0.77
C GLU A 21 16.41 -19.73 -0.02
N SER A 22 16.14 -20.92 0.53
CA SER A 22 16.52 -22.20 -0.07
C SER A 22 15.82 -23.28 0.75
N LEU A 23 15.69 -24.48 0.21
CA LEU A 23 14.97 -25.55 0.90
C LEU A 23 15.68 -25.92 2.19
N GLU A 24 16.99 -26.07 2.10
CA GLU A 24 17.80 -26.38 3.26
C GLU A 24 17.75 -25.32 4.34
N ASN A 25 17.75 -24.04 3.95
CA ASN A 25 17.58 -23.01 4.96
C ASN A 25 16.23 -23.17 5.66
N LEU A 26 15.16 -23.37 4.87
CA LEU A 26 13.84 -23.54 5.41
C LEU A 26 13.81 -24.72 6.35
N ARG A 27 14.46 -25.81 5.94
CA ARG A 27 14.45 -27.04 6.75
C ARG A 27 15.18 -26.78 8.05
N SER A 28 16.24 -26.00 7.95
CA SER A 28 17.05 -25.66 9.11
C SER A 28 16.28 -24.82 10.14
N ILE A 29 15.58 -23.78 9.67
CA ILE A 29 14.80 -22.96 10.59
C ILE A 29 13.63 -23.81 11.14
N ALA A 30 13.00 -24.62 10.30
CA ALA A 30 11.93 -25.52 10.76
C ALA A 30 12.35 -26.42 11.90
N THR A 31 13.54 -26.98 11.78
CA THR A 31 14.10 -27.89 12.78
C THR A 31 14.26 -27.18 14.12
N LYS A 32 14.79 -25.97 14.07
CA LYS A 32 15.01 -25.20 15.29
C LYS A 32 13.72 -24.74 15.97
N LEU A 33 12.62 -24.69 15.22
CA LEU A 33 11.33 -24.32 15.76
C LEU A 33 10.55 -25.49 16.31
N GLN A 34 11.02 -26.73 16.11
CA GLN A 34 10.31 -27.91 16.66
C GLN A 34 9.92 -27.80 18.12
N PRO A 35 10.83 -27.31 18.99
CA PRO A 35 10.38 -27.23 20.39
C PRO A 35 9.16 -26.34 20.56
N LEU A 36 9.12 -25.20 19.87
CA LEU A 36 7.98 -24.30 19.97
C LEU A 36 6.78 -24.87 19.22
N ALA A 37 7.02 -25.54 18.11
CA ALA A 37 5.91 -26.17 17.38
C ALA A 37 5.23 -27.29 18.18
N ASN A 38 5.99 -27.96 19.06
CA ASN A 38 5.43 -28.99 19.90
C ASN A 38 4.87 -28.51 21.22
N ASN A 39 4.91 -27.21 21.45
CA ASN A 39 4.46 -26.67 22.72
C ASN A 39 2.96 -26.73 22.86
N GLU A 40 2.54 -27.55 23.79
CA GLU A 40 1.15 -27.78 24.15
C GLU A 40 0.29 -26.52 24.40
N ARG A 41 0.92 -25.44 24.88
CA ARG A 41 0.20 -24.18 25.11
C ARG A 41 0.06 -23.29 23.85
N LEU A 42 0.62 -23.70 22.71
CA LEU A 42 0.64 -22.84 21.50
C LEU A 42 -0.09 -23.51 20.35
N ASP A 43 -0.64 -22.67 19.48
CA ASP A 43 -1.19 -23.10 18.21
C ASP A 43 -0.25 -22.50 17.16
N PHE A 44 0.61 -23.36 16.62
CA PHE A 44 1.77 -22.92 15.90
C PHE A 44 1.60 -22.93 14.40
N TYR A 45 2.11 -21.89 13.73
CA TYR A 45 2.13 -21.85 12.26
C TYR A 45 3.52 -21.41 11.83
N PHE A 46 4.03 -22.00 10.76
CA PHE A 46 5.35 -21.69 10.25
C PHE A 46 5.14 -20.75 9.06
N LYS A 47 5.92 -19.69 8.95
CA LYS A 47 5.74 -18.79 7.84
C LYS A 47 6.98 -18.48 7.04
N ALA A 48 6.73 -18.01 5.82
CA ALA A 48 7.76 -17.53 4.94
C ALA A 48 7.09 -17.04 3.66
N SER A 49 7.58 -15.91 3.13
CA SER A 49 7.06 -15.32 1.89
C SER A 49 7.72 -15.96 0.70
N PHE A 50 6.93 -16.21 -0.35
CA PHE A 50 7.45 -16.73 -1.61
C PHE A 50 7.92 -15.60 -2.53
N ASP A 51 7.59 -14.38 -2.15
CA ASP A 51 7.96 -13.23 -2.91
C ASP A 51 8.12 -12.00 -2.02
N LYS A 52 9.21 -11.27 -2.20
CA LYS A 52 9.42 -10.00 -1.54
C LYS A 52 9.15 -8.82 -2.47
N ALA A 53 7.93 -8.31 -2.43
CA ALA A 53 7.43 -7.40 -3.47
C ALA A 53 7.98 -5.95 -3.43
N ASN A 54 8.53 -5.55 -2.29
CA ASN A 54 8.92 -4.16 -2.04
C ASN A 54 10.43 -3.96 -1.78
N ARG A 55 11.25 -4.88 -2.31
CA ARG A 55 12.71 -4.80 -2.17
C ARG A 55 13.24 -3.41 -2.64
N THR A 56 14.27 -2.88 -2.00
CA THR A 56 14.69 -1.49 -2.27
C THR A 56 15.50 -1.32 -3.55
N SER A 57 16.07 -2.39 -4.10
CA SER A 57 16.76 -2.30 -5.41
C SER A 57 16.29 -3.36 -6.40
N LEU A 58 16.45 -3.10 -7.69
CA LEU A 58 16.17 -4.08 -8.73
C LEU A 58 16.94 -5.40 -8.56
N GLU A 59 18.17 -5.33 -8.09
CA GLU A 59 19.04 -6.50 -8.02
C GLU A 59 18.73 -7.35 -6.79
N SER A 60 18.09 -6.73 -5.80
CA SER A 60 17.81 -7.41 -4.55
C SER A 60 17.02 -8.74 -4.72
N TYR A 61 17.24 -9.69 -3.82
CA TYR A 61 16.66 -11.04 -3.93
C TYR A 61 15.13 -11.00 -3.81
N ARG A 62 14.46 -11.66 -4.76
CA ARG A 62 12.99 -11.61 -4.88
C ARG A 62 12.23 -12.69 -4.10
N GLY A 63 12.91 -13.81 -3.79
CA GLY A 63 12.25 -15.02 -3.33
C GLY A 63 11.97 -15.88 -4.55
N PRO A 64 11.52 -17.13 -4.34
CA PRO A 64 11.38 -18.12 -5.38
C PRO A 64 10.12 -18.02 -6.28
N GLY A 65 9.18 -17.16 -5.95
CA GLY A 65 7.91 -17.07 -6.68
C GLY A 65 6.86 -18.04 -6.15
N LEU A 66 5.62 -17.75 -6.47
CA LEU A 66 4.43 -18.47 -5.99
C LEU A 66 4.51 -20.00 -6.17
N GLU A 67 4.84 -20.41 -7.37
CA GLU A 67 4.79 -21.82 -7.75
C GLU A 67 5.80 -22.61 -6.92
N LYS A 68 7.05 -22.16 -6.99
CA LYS A 68 8.14 -22.88 -6.39
C LYS A 68 8.13 -22.67 -4.86
N GLY A 69 7.80 -21.46 -4.42
CA GLY A 69 7.68 -21.17 -3.01
C GLY A 69 6.64 -22.00 -2.29
N LEU A 70 5.51 -22.20 -2.95
CA LEU A 70 4.42 -23.01 -2.38
C LEU A 70 4.79 -24.50 -2.23
N GLU A 71 5.43 -24.99 -3.26
CA GLU A 71 6.00 -26.32 -3.31
C GLU A 71 7.02 -26.54 -2.15
N MET A 72 7.81 -25.52 -1.86
CA MET A 72 8.76 -25.58 -0.76
C MET A 72 8.07 -25.59 0.59
N LEU A 73 7.05 -24.75 0.76
CA LEU A 73 6.28 -24.73 1.98
C LEU A 73 5.50 -26.01 2.21
N GLN A 74 5.03 -26.62 1.13
CA GLN A 74 4.26 -27.89 1.24
C GLN A 74 5.20 -28.98 1.72
N THR A 75 6.42 -28.94 1.20
CA THR A 75 7.45 -29.87 1.64
C THR A 75 7.68 -29.75 3.15
N ILE A 76 7.76 -28.52 3.67
CA ILE A 76 7.86 -28.32 5.12
C ILE A 76 6.63 -28.87 5.85
N LYS A 77 5.45 -28.54 5.36
CA LYS A 77 4.23 -29.09 5.93
C LYS A 77 4.32 -30.60 6.08
N GLU A 78 4.82 -31.25 5.03
CA GLU A 78 4.85 -32.73 4.96
C GLU A 78 5.92 -33.27 5.90
N GLU A 79 7.11 -32.68 5.85
CA GLU A 79 8.25 -33.19 6.61
C GLU A 79 8.17 -32.88 8.09
N PHE A 80 7.61 -31.72 8.43
CA PHE A 80 7.55 -31.31 9.82
C PHE A 80 6.16 -31.36 10.43
N GLY A 81 5.13 -31.56 9.63
CA GLY A 81 3.75 -31.51 10.13
C GLY A 81 3.31 -30.14 10.56
N TYR A 82 3.87 -29.09 9.95
CA TYR A 82 3.52 -27.71 10.36
C TYR A 82 2.39 -27.16 9.52
N LYS A 83 1.47 -26.48 10.19
CA LYS A 83 0.51 -25.64 9.47
C LYS A 83 1.29 -24.42 8.98
N ILE A 84 0.80 -23.76 7.93
CA ILE A 84 1.58 -22.77 7.21
C ILE A 84 0.84 -21.41 7.10
N LEU A 85 1.57 -20.30 7.28
CA LEU A 85 1.11 -18.96 6.94
C LEU A 85 1.96 -18.44 5.80
N THR A 86 1.33 -17.84 4.80
CA THR A 86 2.09 -17.07 3.84
C THR A 86 1.28 -15.81 3.49
N ASP A 87 1.95 -14.87 2.85
CA ASP A 87 1.30 -13.61 2.49
C ASP A 87 0.99 -13.59 1.01
N VAL A 88 -0.09 -12.89 0.65
CA VAL A 88 -0.41 -12.67 -0.75
C VAL A 88 -0.36 -11.18 -1.07
N HIS A 89 0.09 -10.88 -2.29
CA HIS A 89 0.38 -9.51 -2.72
C HIS A 89 -0.49 -9.06 -3.88
N GLU A 90 -1.16 -9.99 -4.54
CA GLU A 90 -1.85 -9.64 -5.77
C GLU A 90 -2.96 -10.62 -6.09
N SER A 91 -3.73 -10.25 -7.11
CA SER A 91 -4.84 -11.06 -7.59
C SER A 91 -4.43 -12.41 -8.05
N TYR A 92 -5.34 -13.34 -7.82
CA TYR A 92 -5.24 -14.70 -8.31
C TYR A 92 -4.14 -15.55 -7.66
N GLN A 93 -3.61 -15.11 -6.52
CA GLN A 93 -2.68 -15.93 -5.74
C GLN A 93 -3.43 -16.75 -4.69
N ALA A 94 -4.53 -16.20 -4.20
CA ALA A 94 -5.12 -16.67 -2.95
C ALA A 94 -5.53 -18.13 -3.00
N SER A 95 -6.28 -18.46 -4.05
CA SER A 95 -6.86 -19.79 -4.15
C SER A 95 -5.84 -20.87 -4.25
N VAL A 96 -4.79 -20.62 -5.03
CA VAL A 96 -3.67 -21.55 -5.13
C VAL A 96 -2.82 -21.58 -3.86
N ALA A 97 -2.62 -20.44 -3.23
CA ALA A 97 -1.83 -20.38 -1.99
C ALA A 97 -2.50 -21.18 -0.87
N ALA A 98 -3.81 -21.04 -0.79
CA ALA A 98 -4.62 -21.68 0.23
C ALA A 98 -4.67 -23.23 0.16
N LYS A 99 -4.21 -23.82 -0.94
CA LYS A 99 -4.03 -25.26 -1.00
C LYS A 99 -2.88 -25.72 -0.09
N VAL A 100 -1.97 -24.81 0.25
CA VAL A 100 -0.85 -25.09 1.12
C VAL A 100 -0.93 -24.35 2.48
N ALA A 101 -1.21 -23.04 2.42
CA ALA A 101 -1.32 -22.18 3.58
C ALA A 101 -2.60 -22.38 4.38
N ASP A 102 -2.43 -22.51 5.69
CA ASP A 102 -3.55 -22.51 6.61
C ASP A 102 -4.01 -21.10 6.96
N ILE A 103 -3.06 -20.15 6.94
CA ILE A 103 -3.36 -18.73 7.10
C ILE A 103 -2.84 -17.99 5.88
N LEU A 104 -3.69 -17.11 5.34
CA LEU A 104 -3.29 -16.17 4.33
C LEU A 104 -3.29 -14.77 4.91
N GLN A 105 -2.18 -14.08 4.72
CA GLN A 105 -1.94 -12.81 5.37
C GLN A 105 -2.05 -11.71 4.33
N ILE A 106 -2.71 -10.63 4.70
CA ILE A 106 -2.79 -9.42 3.86
C ILE A 106 -1.79 -8.45 4.43
N PRO A 107 -0.75 -8.08 3.67
CA PRO A 107 0.21 -7.11 4.26
C PRO A 107 -0.44 -5.79 4.61
N ALA A 108 0.21 -5.07 5.49
CA ALA A 108 -0.33 -3.85 6.05
C ALA A 108 -0.67 -2.77 5.02
N PHE A 109 0.18 -2.58 4.04
CA PHE A 109 -0.11 -1.52 3.06
C PHE A 109 -1.30 -1.88 2.16
N LEU A 110 -1.73 -3.13 2.20
CA LEU A 110 -2.87 -3.59 1.39
C LEU A 110 -4.14 -3.79 2.24
N CYS A 111 -4.12 -3.33 3.48
CA CYS A 111 -5.15 -3.70 4.41
C CYS A 111 -6.56 -3.13 4.07
N ARG A 112 -6.66 -2.17 3.14
CA ARG A 112 -7.93 -1.62 2.71
C ARG A 112 -8.36 -2.04 1.29
N GLN A 113 -7.56 -2.90 0.67
CA GLN A 113 -7.83 -3.38 -0.69
C GLN A 113 -8.93 -4.42 -0.75
N THR A 114 -10.10 -3.93 -1.14
CA THR A 114 -11.34 -4.65 -1.02
C THR A 114 -11.34 -5.95 -1.79
N ASP A 115 -10.84 -5.93 -3.02
CA ASP A 115 -10.86 -7.12 -3.88
C ASP A 115 -9.93 -8.19 -3.38
N LEU A 116 -8.82 -7.75 -2.79
CA LEU A 116 -7.88 -8.68 -2.23
C LEU A 116 -8.47 -9.32 -0.98
N ILE A 117 -9.12 -8.52 -0.14
CA ILE A 117 -9.78 -9.06 1.05
C ILE A 117 -10.85 -10.07 0.67
N VAL A 118 -11.71 -9.68 -0.26
CA VAL A 118 -12.80 -10.54 -0.69
C VAL A 118 -12.23 -11.85 -1.22
N GLU A 119 -11.21 -11.77 -2.05
CA GLU A 119 -10.67 -12.96 -2.69
C GLU A 119 -10.07 -13.95 -1.68
N VAL A 120 -9.26 -13.44 -0.76
CA VAL A 120 -8.67 -14.28 0.27
C VAL A 120 -9.77 -14.89 1.16
N SER A 121 -10.78 -14.09 1.45
CA SER A 121 -11.86 -14.52 2.30
C SER A 121 -12.75 -15.54 1.62
N GLN A 122 -12.68 -15.62 0.30
CA GLN A 122 -13.40 -16.68 -0.38
C GLN A 122 -12.78 -18.05 -0.25
N THR A 123 -11.55 -18.17 0.26
CA THR A 123 -10.90 -19.48 0.42
C THR A 123 -11.27 -20.14 1.76
N ASN A 124 -10.76 -21.34 2.02
CA ASN A 124 -10.95 -22.01 3.30
C ASN A 124 -9.97 -21.56 4.42
N ALA A 125 -9.11 -20.59 4.11
CA ALA A 125 -8.01 -20.18 5.01
C ALA A 125 -8.46 -19.27 6.15
N ILE A 126 -7.73 -19.28 7.25
CA ILE A 126 -7.81 -18.15 8.19
C ILE A 126 -7.17 -16.91 7.49
N VAL A 127 -7.79 -15.76 7.71
CA VAL A 127 -7.37 -14.49 7.14
C VAL A 127 -6.75 -13.58 8.21
N ASN A 128 -5.50 -13.17 7.99
CA ASN A 128 -4.79 -12.33 8.94
C ASN A 128 -4.55 -10.97 8.32
N ILE A 129 -5.26 -9.96 8.81
CA ILE A 129 -5.18 -8.61 8.20
C ILE A 129 -4.28 -7.71 9.04
N LYS A 130 -3.11 -7.37 8.51
CA LYS A 130 -2.20 -6.45 9.17
C LYS A 130 -2.72 -5.04 9.10
N LYS A 131 -2.66 -4.34 10.22
CA LYS A 131 -3.07 -2.93 10.30
C LYS A 131 -2.05 -2.00 9.65
N GLY A 132 -2.55 -1.21 8.70
CA GLY A 132 -1.76 -0.18 8.06
C GLY A 132 -1.04 0.73 9.07
N GLN A 133 0.18 1.08 8.75
CA GLN A 133 1.01 1.94 9.60
C GLN A 133 0.43 3.33 9.94
N PHE A 134 -0.54 3.83 9.17
CA PHE A 134 -1.20 5.06 9.55
C PHE A 134 -2.70 4.90 9.73
N MET A 135 -3.19 3.67 9.84
CA MET A 135 -4.62 3.42 10.12
C MET A 135 -4.96 3.68 11.58
N ASN A 136 -6.09 4.32 11.80
CA ASN A 136 -6.71 4.29 13.12
C ASN A 136 -7.18 2.85 13.38
N PRO A 137 -6.85 2.28 14.54
CA PRO A 137 -7.32 0.92 14.81
C PRO A 137 -8.83 0.74 14.70
N LYS A 138 -9.62 1.78 15.04
CA LYS A 138 -11.09 1.67 14.94
C LYS A 138 -11.52 1.43 13.48
N ASP A 139 -10.76 1.97 12.53
CA ASP A 139 -11.10 1.81 11.11
C ASP A 139 -10.79 0.41 10.55
N MET A 140 -10.09 -0.43 11.30
CA MET A 140 -9.85 -1.82 10.88
C MET A 140 -11.13 -2.65 10.94
N GLN A 141 -12.11 -2.19 11.67
CA GLN A 141 -13.39 -2.88 11.71
C GLN A 141 -13.99 -3.04 10.30
N TYR A 142 -13.73 -2.10 9.40
CA TYR A 142 -14.26 -2.19 8.03
C TYR A 142 -13.62 -3.25 7.19
N SER A 143 -12.31 -3.46 7.36
CA SER A 143 -11.62 -4.55 6.68
C SER A 143 -12.14 -5.87 7.19
N VAL A 144 -12.32 -6.00 8.50
CA VAL A 144 -12.87 -7.24 9.07
C VAL A 144 -14.26 -7.54 8.46
N LEU A 145 -15.08 -6.51 8.34
CA LEU A 145 -16.49 -6.68 7.90
C LEU A 145 -16.57 -7.14 6.47
N LYS A 146 -15.64 -6.65 5.63
CA LYS A 146 -15.59 -7.12 4.24
C LYS A 146 -15.28 -8.60 4.17
N ALA A 147 -14.37 -9.04 5.01
CA ALA A 147 -13.97 -10.43 5.06
C ALA A 147 -15.11 -11.23 5.65
N LEU A 148 -15.68 -10.75 6.74
CA LEU A 148 -16.82 -11.43 7.37
C LEU A 148 -18.04 -11.58 6.44
N LYS A 149 -18.42 -10.48 5.76
CA LYS A 149 -19.57 -10.54 4.85
C LYS A 149 -19.36 -11.52 3.73
N THR A 150 -18.14 -11.62 3.23
CA THR A 150 -17.78 -12.60 2.21
C THR A 150 -18.10 -14.03 2.67
N ARG A 151 -17.73 -14.35 3.91
CA ARG A 151 -17.97 -15.66 4.49
C ARG A 151 -19.40 -15.85 5.06
N ASP A 152 -20.08 -14.77 5.42
CA ASP A 152 -21.47 -14.83 5.91
C ASP A 152 -22.16 -13.49 5.64
N LYS A 153 -23.05 -13.48 4.66
CA LYS A 153 -23.66 -12.25 4.15
C LYS A 153 -24.55 -11.55 5.15
N SER A 154 -25.03 -12.29 6.15
CA SER A 154 -25.92 -11.72 7.15
C SER A 154 -25.22 -10.82 8.16
N ILE A 155 -23.89 -10.94 8.29
CA ILE A 155 -23.18 -10.17 9.32
C ILE A 155 -23.13 -8.69 8.98
N GLN A 156 -23.51 -7.86 9.93
CA GLN A 156 -23.63 -6.42 9.72
C GLN A 156 -22.52 -5.64 10.40
N SER A 157 -22.01 -6.21 11.48
CA SER A 157 -21.00 -5.56 12.29
C SER A 157 -20.02 -6.62 12.79
N PRO A 158 -18.73 -6.29 12.76
CA PRO A 158 -17.72 -7.24 13.13
C PRO A 158 -17.53 -7.32 14.62
N THR A 159 -17.37 -8.53 15.12
CA THR A 159 -17.15 -8.78 16.53
C THR A 159 -16.13 -9.91 16.72
N TYR A 160 -15.42 -9.88 17.84
CA TYR A 160 -14.48 -10.91 18.21
C TYR A 160 -15.02 -12.31 18.02
N GLU A 161 -16.16 -12.58 18.65
CA GLU A 161 -16.79 -13.90 18.61
C GLU A 161 -17.07 -14.30 17.19
N THR A 162 -17.56 -13.36 16.41
CA THR A 162 -17.89 -13.66 15.04
C THR A 162 -16.66 -13.83 14.17
N ALA A 163 -15.69 -12.93 14.34
CA ALA A 163 -14.41 -13.03 13.60
C ALA A 163 -13.64 -14.32 13.96
N LEU A 164 -13.73 -14.74 15.21
CA LEU A 164 -13.03 -15.95 15.64
C LEU A 164 -13.64 -17.17 14.99
N LYS A 165 -14.96 -17.25 15.06
CA LYS A 165 -15.69 -18.35 14.43
C LYS A 165 -15.44 -18.46 12.93
N ASN A 166 -15.33 -17.34 12.23
CA ASN A 166 -15.14 -17.37 10.77
C ASN A 166 -13.69 -17.22 10.28
N GLY A 167 -12.72 -17.18 11.20
CA GLY A 167 -11.30 -17.17 10.84
C GLY A 167 -10.79 -15.85 10.24
N VAL A 168 -11.12 -14.73 10.86
CA VAL A 168 -10.60 -13.45 10.45
C VAL A 168 -9.89 -12.78 11.63
N TRP A 169 -8.59 -12.53 11.51
CA TRP A 169 -7.81 -11.98 12.59
C TRP A 169 -7.24 -10.64 12.13
N LEU A 170 -6.97 -9.78 13.09
CA LEU A 170 -6.25 -8.54 12.90
C LEU A 170 -4.85 -8.68 13.50
N CYS A 171 -3.88 -7.95 12.92
CA CYS A 171 -2.51 -8.06 13.35
C CYS A 171 -1.91 -6.66 13.55
N GLU A 172 -1.37 -6.40 14.76
CA GLU A 172 -0.72 -5.12 15.06
C GLU A 172 0.75 -5.13 14.67
N ARG A 173 1.18 -4.17 13.84
CA ARG A 173 2.58 -4.10 13.41
C ARG A 173 3.20 -2.70 13.62
N GLY A 174 2.52 -1.85 14.38
CA GLY A 174 3.03 -0.53 14.71
C GLY A 174 2.47 0.58 13.84
N SER A 175 2.78 1.82 14.19
CA SER A 175 2.32 2.99 13.44
C SER A 175 3.49 3.90 13.12
N SER A 176 3.46 4.48 11.92
CA SER A 176 4.52 5.40 11.53
C SER A 176 4.51 6.62 12.45
N PHE A 177 5.67 7.06 12.86
CA PHE A 177 5.81 8.14 13.83
C PHE A 177 6.92 9.04 13.27
N GLY A 178 6.51 10.05 12.52
CA GLY A 178 7.43 10.91 11.78
C GLY A 178 7.99 10.14 10.58
N TYR A 179 9.20 10.47 10.15
CA TYR A 179 9.92 9.70 9.16
C TYR A 179 10.85 8.69 9.82
N GLY A 180 10.86 7.46 9.30
CA GLY A 180 11.85 6.47 9.66
C GLY A 180 11.82 5.97 11.08
N ASN A 181 10.62 5.85 11.63
CA ASN A 181 10.43 5.45 13.00
C ASN A 181 9.06 4.88 13.07
N LEU A 182 8.86 3.97 14.01
CA LEU A 182 7.63 3.20 14.15
C LEU A 182 7.30 3.10 15.63
N VAL A 183 6.03 3.23 15.98
CA VAL A 183 5.65 3.21 17.38
C VAL A 183 4.44 2.29 17.61
N VAL A 184 4.50 1.46 18.65
CA VAL A 184 3.35 0.66 18.99
C VAL A 184 2.46 1.37 19.99
N ASP A 185 1.29 1.78 19.51
CA ASP A 185 0.23 2.24 20.39
C ASP A 185 -0.44 1.01 21.04
N MET A 186 -0.09 0.70 22.29
CA MET A 186 -0.65 -0.51 22.91
C MET A 186 -2.18 -0.46 23.02
N ARG A 187 -2.76 0.73 23.00
CA ARG A 187 -4.23 0.85 23.08
C ARG A 187 -4.89 0.14 21.92
N SER A 188 -4.24 0.12 20.75
CA SER A 188 -4.80 -0.54 19.55
C SER A 188 -5.07 -2.03 19.76
N LEU A 189 -4.29 -2.68 20.61
CA LEU A 189 -4.50 -4.10 20.90
C LEU A 189 -5.88 -4.29 21.50
N LYS A 190 -6.19 -3.51 22.51
CA LYS A 190 -7.54 -3.52 23.09
C LYS A 190 -8.66 -3.09 22.09
N ILE A 191 -8.48 -1.97 21.42
CA ILE A 191 -9.48 -1.49 20.48
C ILE A 191 -9.83 -2.52 19.37
N MET A 192 -8.80 -3.12 18.77
CA MET A 192 -9.00 -4.01 17.66
C MET A 192 -9.63 -5.32 18.11
N ARG A 193 -9.34 -5.70 19.35
CA ARG A 193 -9.87 -6.95 19.91
C ARG A 193 -11.38 -7.01 20.06
N GLU A 194 -12.01 -5.85 20.14
CA GLU A 194 -13.44 -5.83 20.12
C GLU A 194 -13.93 -6.35 18.77
N PHE A 195 -13.17 -6.13 17.70
CA PHE A 195 -13.59 -6.57 16.34
C PHE A 195 -13.16 -7.98 15.90
N ALA A 196 -12.05 -8.47 16.45
CA ALA A 196 -11.47 -9.72 15.97
C ALA A 196 -10.33 -10.11 16.87
N PRO A 197 -9.93 -11.37 16.85
CA PRO A 197 -8.69 -11.82 17.50
C PRO A 197 -7.50 -11.04 17.00
N VAL A 198 -6.54 -10.77 17.87
CA VAL A 198 -5.43 -9.86 17.57
C VAL A 198 -4.11 -10.58 17.73
N ILE A 199 -3.30 -10.59 16.69
CA ILE A 199 -1.91 -11.04 16.78
C ILE A 199 -1.02 -9.83 16.87
N PHE A 200 0.06 -9.90 17.66
CA PHE A 200 1.06 -8.82 17.71
C PHE A 200 2.32 -9.22 16.98
N ASP A 201 2.73 -8.44 15.98
CA ASP A 201 3.95 -8.68 15.23
C ASP A 201 5.12 -7.98 15.94
N ALA A 202 5.80 -8.75 16.79
CA ALA A 202 6.84 -8.23 17.65
C ALA A 202 8.11 -7.85 16.88
N THR A 203 8.34 -8.43 15.71
CA THR A 203 9.51 -8.02 14.91
C THR A 203 9.25 -6.80 14.02
N ALA A 204 8.03 -6.26 13.99
CA ALA A 204 7.75 -4.91 13.43
C ALA A 204 8.92 -3.92 13.55
N SER A 205 9.39 -3.47 12.39
CA SER A 205 10.52 -2.55 12.33
C SER A 205 10.41 -1.66 11.10
N VAL A 206 11.01 -0.46 11.18
CA VAL A 206 10.98 0.48 10.05
C VAL A 206 12.06 0.15 9.00
N GLN A 207 11.62 -0.27 7.81
CA GLN A 207 12.49 -0.57 6.68
C GLN A 207 13.32 0.67 6.29
N MET A 208 14.60 0.47 5.95
CA MET A 208 15.56 1.56 5.75
C MET A 208 16.10 1.62 4.30
N PRO A 209 15.35 2.23 3.37
CA PRO A 209 15.75 2.20 1.96
C PRO A 209 17.01 3.03 1.68
N SER A 221 15.03 -6.65 19.10
CA SER A 221 15.90 -6.11 20.17
C SER A 221 15.05 -5.38 21.23
N PHE A 222 14.22 -4.44 20.79
CA PHE A 222 13.07 -4.02 21.61
C PHE A 222 11.91 -5.03 21.46
N ALA A 223 12.09 -6.02 20.59
CA ALA A 223 11.05 -7.04 20.32
C ALA A 223 10.56 -7.81 21.53
N PRO A 224 11.46 -8.30 22.37
CA PRO A 224 11.04 -8.93 23.64
C PRO A 224 10.26 -8.02 24.57
N ILE A 225 10.71 -6.78 24.72
CA ILE A 225 10.02 -5.82 25.56
C ILE A 225 8.58 -5.48 25.12
N LEU A 226 8.38 -5.24 23.82
CA LEU A 226 7.08 -4.95 23.28
C LEU A 226 6.19 -6.18 23.36
N ALA A 227 6.79 -7.34 23.19
CA ALA A 227 6.03 -8.58 23.31
C ALA A 227 5.50 -8.79 24.72
N ARG A 228 6.35 -8.59 25.72
CA ARG A 228 5.89 -8.69 27.08
C ARG A 228 4.83 -7.66 27.33
N ALA A 229 5.04 -6.44 26.83
CA ALA A 229 4.04 -5.37 26.96
C ALA A 229 2.73 -5.82 26.36
N ALA A 230 2.77 -6.36 25.15
CA ALA A 230 1.55 -6.70 24.45
C ALA A 230 0.86 -7.90 25.14
N ALA A 231 1.61 -8.91 25.54
CA ALA A 231 1.02 -9.98 26.33
C ALA A 231 0.26 -9.49 27.57
N ALA A 232 0.78 -8.47 28.26
CA ALA A 232 0.11 -7.93 29.47
C ALA A 232 -1.17 -7.20 29.14
N VAL A 233 -1.24 -6.57 27.96
CA VAL A 233 -2.47 -5.88 27.53
C VAL A 233 -3.56 -6.87 27.18
N GLY A 234 -3.22 -7.87 26.40
CA GLY A 234 -4.16 -8.93 25.98
C GLY A 234 -4.11 -9.15 24.48
N ILE A 235 -3.50 -10.26 24.07
CA ILE A 235 -3.40 -10.61 22.66
C ILE A 235 -3.73 -12.08 22.48
N ASP A 236 -4.16 -12.46 21.28
CA ASP A 236 -4.50 -13.85 20.99
C ASP A 236 -3.37 -14.61 20.41
N GLY A 237 -2.25 -13.94 20.19
CA GLY A 237 -1.10 -14.59 19.57
C GLY A 237 0.06 -13.64 19.22
N LEU A 238 1.16 -14.25 18.81
CA LEU A 238 2.36 -13.54 18.51
C LEU A 238 2.86 -13.97 17.13
N PHE A 239 3.46 -13.02 16.41
CA PHE A 239 4.07 -13.21 15.09
C PHE A 239 5.49 -12.69 15.22
N ALA A 240 6.47 -13.48 14.76
CA ALA A 240 7.87 -13.07 14.87
C ALA A 240 8.67 -13.62 13.71
N GLU A 241 9.44 -12.75 13.07
CA GLU A 241 10.44 -13.17 12.11
C GLU A 241 11.67 -13.76 12.81
N THR A 242 12.02 -14.98 12.40
CA THR A 242 13.04 -15.75 13.07
C THR A 242 13.95 -16.41 12.05
N HIS A 243 15.23 -16.45 12.35
CA HIS A 243 16.21 -17.01 11.43
C HIS A 243 17.31 -17.68 12.25
N VAL A 244 17.84 -18.80 11.76
CA VAL A 244 18.87 -19.54 12.52
C VAL A 244 20.12 -18.69 12.69
N ASP A 245 20.41 -17.92 11.66
CA ASP A 245 21.61 -17.16 11.58
C ASP A 245 21.29 -15.82 10.87
N PRO A 246 20.75 -14.84 11.63
CA PRO A 246 20.21 -13.60 11.04
C PRO A 246 21.20 -12.79 10.17
N LYS A 247 22.46 -12.72 10.60
CA LYS A 247 23.52 -12.01 9.86
C LYS A 247 23.75 -12.54 8.45
N ASN A 248 23.38 -13.79 8.20
CA ASN A 248 23.45 -14.38 6.88
C ASN A 248 22.07 -14.58 6.27
N ALA A 249 21.08 -13.80 6.72
CA ALA A 249 19.75 -13.87 6.16
C ALA A 249 19.67 -13.01 4.88
N LEU A 250 19.10 -13.56 3.81
CA LEU A 250 19.07 -12.89 2.51
C LEU A 250 18.27 -11.59 2.55
N SER A 251 17.36 -11.48 3.52
CA SER A 251 16.75 -10.20 3.90
C SER A 251 15.75 -10.47 5.04
N ASP A 252 15.48 -9.48 5.88
CA ASP A 252 16.37 -8.36 6.18
C ASP A 252 17.09 -8.83 7.45
N GLY A 253 18.42 -8.97 7.37
CA GLY A 253 19.22 -9.62 8.43
C GLY A 253 19.57 -8.75 9.62
N ALA A 254 18.61 -7.92 10.03
CA ALA A 254 18.77 -6.92 11.09
C ALA A 254 17.72 -7.06 12.19
N ASN A 255 16.55 -7.56 11.84
CA ASN A 255 15.38 -7.50 12.70
C ASN A 255 14.79 -8.86 13.17
N MET A 256 15.38 -9.96 12.75
CA MET A 256 14.82 -11.26 13.07
C MET A 256 15.29 -11.68 14.47
N LEU A 257 14.58 -12.63 15.07
CA LEU A 257 15.05 -13.24 16.29
C LEU A 257 15.75 -14.54 15.95
N LYS A 258 16.68 -14.97 16.80
CA LYS A 258 17.17 -16.35 16.77
C LYS A 258 16.15 -17.23 17.49
N PRO A 259 16.14 -18.52 17.15
CA PRO A 259 15.21 -19.45 17.74
C PRO A 259 15.22 -19.44 19.27
N ASP A 260 16.40 -19.41 19.88
CA ASP A 260 16.46 -19.39 21.33
C ASP A 260 15.90 -18.06 21.93
N GLU A 261 16.12 -16.95 21.24
CA GLU A 261 15.54 -15.68 21.69
C GLU A 261 14.03 -15.75 21.65
N LEU A 262 13.48 -16.32 20.58
CA LEU A 262 12.05 -16.46 20.46
C LEU A 262 11.49 -17.29 21.60
N GLU A 263 12.19 -18.35 21.98
CA GLU A 263 11.73 -19.23 23.07
C GLU A 263 11.58 -18.45 24.33
N GLN A 264 12.58 -17.65 24.66
CA GLN A 264 12.55 -16.84 25.88
C GLN A 264 11.34 -15.91 25.87
N LEU A 265 11.16 -15.25 24.74
CA LEU A 265 10.03 -14.38 24.56
C LEU A 265 8.70 -15.12 24.71
N VAL A 266 8.60 -16.32 24.17
CA VAL A 266 7.40 -17.11 24.31
C VAL A 266 7.16 -17.54 25.76
N THR A 267 8.22 -17.91 26.46
CA THR A 267 8.12 -18.28 27.87
C THR A 267 7.48 -17.16 28.69
N ASP A 268 8.01 -15.95 28.57
CA ASP A 268 7.54 -14.78 29.33
C ASP A 268 6.11 -14.40 29.01
N MET A 269 5.73 -14.46 27.74
CA MET A 269 4.32 -14.28 27.37
C MET A 269 3.36 -15.24 28.07
N LEU A 270 3.70 -16.53 28.07
CA LEU A 270 2.85 -17.54 28.69
C LEU A 270 2.73 -17.27 30.18
N LYS A 271 3.83 -16.93 30.84
CA LYS A 271 3.74 -16.61 32.26
C LYS A 271 2.81 -15.44 32.48
N ILE A 272 2.97 -14.36 31.69
CA ILE A 272 2.12 -13.18 31.85
C ILE A 272 0.67 -13.54 31.58
N GLN A 273 0.42 -14.28 30.51
CA GLN A 273 -0.95 -14.72 30.18
C GLN A 273 -1.56 -15.63 31.23
N ASN A 274 -0.72 -16.42 31.87
CA ASN A 274 -1.14 -17.28 32.98
C ASN A 274 -1.63 -16.51 34.23
N LEU A 275 -1.18 -15.27 34.45
CA LEU A 275 -1.77 -14.41 35.50
C LEU A 275 -3.22 -14.06 35.26
N PHE A 276 -3.68 -14.13 34.02
CA PHE A 276 -5.00 -13.64 33.66
C PHE A 276 -5.89 -14.72 33.03
N LYS B 10 6.55 24.83 -19.55
CA LYS B 10 5.09 24.66 -19.35
C LYS B 10 4.85 23.91 -18.04
N SER B 11 4.15 24.53 -17.10
CA SER B 11 3.68 23.80 -15.95
C SER B 11 2.64 22.78 -16.36
N VAL B 12 2.67 21.65 -15.68
CA VAL B 12 1.78 20.57 -15.98
C VAL B 12 0.50 20.72 -15.17
N LEU B 13 -0.65 20.50 -15.78
CA LEU B 13 -1.89 20.40 -15.04
C LEU B 13 -2.52 19.08 -15.35
N ILE B 14 -2.83 18.33 -14.30
CA ILE B 14 -3.54 17.10 -14.45
C ILE B 14 -4.86 17.27 -13.69
N ALA B 15 -5.97 16.95 -14.34
CA ALA B 15 -7.26 17.24 -13.74
C ALA B 15 -8.36 16.37 -14.31
N GLY B 16 -9.27 16.00 -13.46
CA GLY B 16 -10.44 15.23 -13.87
C GLY B 16 -11.04 14.60 -12.64
N PRO B 17 -12.13 13.84 -12.82
CA PRO B 17 -12.79 13.23 -11.66
C PRO B 17 -11.98 12.10 -11.04
N CYS B 18 -12.35 11.74 -9.81
CA CYS B 18 -11.68 10.66 -9.07
C CYS B 18 -11.85 9.35 -9.82
N VAL B 19 -13.07 9.00 -10.15
CA VAL B 19 -13.35 7.74 -10.82
C VAL B 19 -14.23 8.02 -12.03
N ILE B 20 -14.14 7.16 -13.04
CA ILE B 20 -15.06 7.22 -14.15
C ILE B 20 -16.45 6.74 -13.70
N GLU B 21 -17.45 7.61 -13.86
CA GLU B 21 -18.82 7.33 -13.44
C GLU B 21 -19.72 6.88 -14.58
N SER B 22 -19.61 7.54 -15.71
CA SER B 22 -20.43 7.29 -16.91
C SER B 22 -19.82 8.12 -18.01
N LEU B 23 -20.15 7.79 -19.25
CA LEU B 23 -19.56 8.51 -20.37
C LEU B 23 -20.02 9.95 -20.35
N GLU B 24 -21.26 10.18 -19.94
CA GLU B 24 -21.80 11.50 -19.99
C GLU B 24 -21.24 12.39 -18.91
N ASN B 25 -21.05 11.84 -17.71
CA ASN B 25 -20.36 12.58 -16.69
C ASN B 25 -18.96 12.97 -17.14
N LEU B 26 -18.25 12.04 -17.78
CA LEU B 26 -16.91 12.31 -18.27
C LEU B 26 -16.94 13.42 -19.29
N ARG B 27 -17.88 13.34 -20.22
CA ARG B 27 -17.94 14.35 -21.28
C ARG B 27 -18.23 15.71 -20.65
N SER B 28 -19.08 15.70 -19.65
CA SER B 28 -19.46 16.91 -18.96
C SER B 28 -18.26 17.62 -18.30
N ILE B 29 -17.43 16.86 -17.60
CA ILE B 29 -16.32 17.48 -16.90
C ILE B 29 -15.25 17.86 -17.94
N ALA B 30 -15.07 17.03 -18.97
CA ALA B 30 -14.12 17.34 -20.03
C ALA B 30 -14.41 18.71 -20.63
N THR B 31 -15.70 18.96 -20.87
CA THR B 31 -16.23 20.20 -21.46
C THR B 31 -15.94 21.38 -20.57
N LYS B 32 -16.23 21.25 -19.29
CA LYS B 32 -15.91 22.33 -18.35
C LYS B 32 -14.40 22.66 -18.28
N LEU B 33 -13.53 21.72 -18.62
CA LEU B 33 -12.07 21.92 -18.54
C LEU B 33 -11.44 22.34 -19.83
N GLN B 34 -12.22 22.44 -20.91
CA GLN B 34 -11.69 22.89 -22.19
C GLN B 34 -10.93 24.19 -22.21
N PRO B 35 -11.43 25.21 -21.50
CA PRO B 35 -10.62 26.45 -21.46
C PRO B 35 -9.27 26.23 -20.78
N LEU B 36 -9.21 25.53 -19.66
CA LEU B 36 -7.90 25.20 -19.07
C LEU B 36 -6.99 24.44 -20.05
N ALA B 37 -7.55 23.43 -20.70
CA ALA B 37 -6.78 22.59 -21.62
C ALA B 37 -6.13 23.34 -22.78
N ASN B 38 -6.73 24.45 -23.22
CA ASN B 38 -6.15 25.25 -24.34
C ASN B 38 -5.24 26.36 -23.88
N ASN B 39 -5.04 26.50 -22.58
CA ASN B 39 -4.15 27.51 -22.08
C ASN B 39 -2.72 27.12 -22.46
N GLU B 40 -2.11 27.93 -23.32
CA GLU B 40 -0.76 27.69 -23.83
C GLU B 40 0.34 27.74 -22.73
N ARG B 41 0.04 28.30 -21.56
CA ARG B 41 0.98 28.22 -20.45
C ARG B 41 0.97 26.87 -19.71
N LEU B 42 0.02 25.97 -20.03
CA LEU B 42 -0.11 24.67 -19.37
C LEU B 42 0.14 23.49 -20.26
N ASP B 43 0.64 22.42 -19.66
CA ASP B 43 0.72 21.13 -20.34
C ASP B 43 -0.35 20.23 -19.68
N PHE B 44 -1.47 20.07 -20.38
CA PHE B 44 -2.68 19.53 -19.78
C PHE B 44 -2.84 18.03 -19.98
N TYR B 45 -3.26 17.35 -18.91
CA TYR B 45 -3.64 15.95 -18.94
C TYR B 45 -4.98 15.73 -18.24
N PHE B 46 -5.89 15.01 -18.89
CA PHE B 46 -7.17 14.72 -18.30
C PHE B 46 -7.03 13.40 -17.55
N LYS B 47 -7.57 13.34 -16.35
CA LYS B 47 -7.44 12.17 -15.51
C LYS B 47 -8.79 11.58 -15.13
N ALA B 48 -8.80 10.26 -14.96
CA ALA B 48 -9.90 9.52 -14.33
C ALA B 48 -9.44 8.08 -14.07
N SER B 49 -9.80 7.55 -12.89
CA SER B 49 -9.55 6.15 -12.56
C SER B 49 -10.62 5.25 -13.11
N PHE B 50 -10.20 4.12 -13.64
CA PHE B 50 -11.15 3.14 -14.15
C PHE B 50 -11.58 2.13 -13.08
N ASP B 51 -10.87 2.07 -11.95
CA ASP B 51 -11.27 1.27 -10.79
C ASP B 51 -11.03 2.03 -9.49
N LYS B 52 -11.86 1.76 -8.49
CA LYS B 52 -11.72 2.35 -7.17
C LYS B 52 -11.35 1.18 -6.28
N ALA B 53 -10.07 0.89 -6.17
CA ALA B 53 -9.63 -0.37 -5.57
C ALA B 53 -9.86 -0.42 -4.05
N ASN B 54 -9.85 0.76 -3.44
CA ASN B 54 -9.90 0.90 -2.00
C ASN B 54 -11.23 1.49 -1.48
N ARG B 55 -12.33 1.07 -2.09
CA ARG B 55 -13.64 1.60 -1.76
C ARG B 55 -14.04 1.23 -0.33
N THR B 56 -14.73 2.17 0.31
CA THR B 56 -15.11 2.09 1.73
C THR B 56 -15.73 0.77 2.15
N SER B 57 -16.63 0.27 1.31
CA SER B 57 -17.41 -0.93 1.65
C SER B 57 -17.71 -1.77 0.43
N LEU B 58 -18.20 -2.98 0.68
CA LEU B 58 -18.47 -3.93 -0.40
C LEU B 58 -19.41 -3.44 -1.51
N GLU B 59 -20.49 -2.75 -1.17
CA GLU B 59 -21.44 -2.35 -2.21
C GLU B 59 -21.07 -1.01 -2.87
N SER B 60 -20.00 -0.38 -2.41
CA SER B 60 -19.48 0.85 -2.99
C SER B 60 -19.17 0.73 -4.49
N TYR B 61 -19.38 1.83 -5.22
CA TYR B 61 -19.16 1.84 -6.66
C TYR B 61 -17.69 1.52 -6.99
N ARG B 62 -17.48 0.59 -7.92
CA ARG B 62 -16.14 0.10 -8.24
C ARG B 62 -15.47 0.88 -9.37
N GLY B 63 -16.29 1.43 -10.27
CA GLY B 63 -15.78 1.97 -11.49
C GLY B 63 -16.04 0.94 -12.57
N PRO B 64 -15.80 1.32 -13.82
CA PRO B 64 -16.19 0.46 -14.92
C PRO B 64 -15.20 -0.69 -15.21
N GLY B 65 -14.02 -0.67 -14.58
CA GLY B 65 -13.01 -1.69 -14.85
C GLY B 65 -12.11 -1.28 -16.03
N LEU B 66 -11.01 -2.01 -16.17
CA LEU B 66 -9.98 -1.70 -17.16
C LEU B 66 -10.48 -1.52 -18.61
N GLU B 67 -11.13 -2.54 -19.13
CA GLU B 67 -11.49 -2.60 -20.54
C GLU B 67 -12.51 -1.53 -20.92
N LYS B 68 -13.57 -1.39 -20.13
CA LYS B 68 -14.59 -0.41 -20.45
C LYS B 68 -14.07 1.01 -20.11
N GLY B 69 -13.34 1.15 -18.99
CA GLY B 69 -12.73 2.43 -18.63
C GLY B 69 -11.75 3.01 -19.65
N LEU B 70 -10.85 2.20 -20.19
CA LEU B 70 -9.94 2.69 -21.24
C LEU B 70 -10.65 3.07 -22.56
N GLU B 71 -11.65 2.29 -22.94
CA GLU B 71 -12.54 2.68 -24.04
C GLU B 71 -13.09 4.09 -23.79
N MET B 72 -13.50 4.35 -22.56
CA MET B 72 -14.07 5.62 -22.27
C MET B 72 -13.03 6.74 -22.29
N LEU B 73 -11.87 6.52 -21.68
CA LEU B 73 -10.82 7.54 -21.72
C LEU B 73 -10.39 7.85 -23.15
N GLN B 74 -10.34 6.80 -23.96
CA GLN B 74 -10.07 6.95 -25.39
C GLN B 74 -11.02 7.89 -26.07
N THR B 75 -12.31 7.66 -25.87
CA THR B 75 -13.33 8.53 -26.41
C THR B 75 -13.09 9.98 -25.98
N ILE B 76 -12.69 10.20 -24.74
CA ILE B 76 -12.39 11.59 -24.34
C ILE B 76 -11.21 12.16 -25.11
N LYS B 77 -10.14 11.38 -25.23
CA LYS B 77 -8.97 11.79 -25.97
C LYS B 77 -9.31 12.16 -27.43
N GLU B 78 -10.15 11.36 -28.07
CA GLU B 78 -10.57 11.59 -29.47
C GLU B 78 -11.49 12.77 -29.61
N GLU B 79 -12.46 12.94 -28.72
CA GLU B 79 -13.46 14.00 -28.90
C GLU B 79 -12.97 15.36 -28.41
N PHE B 80 -12.10 15.36 -27.40
CA PHE B 80 -11.58 16.61 -26.85
C PHE B 80 -10.12 16.85 -27.20
N GLY B 81 -9.39 15.88 -27.73
CA GLY B 81 -7.96 16.10 -28.04
C GLY B 81 -7.08 16.13 -26.80
N TYR B 82 -7.54 15.53 -25.70
CA TYR B 82 -6.82 15.52 -24.43
C TYR B 82 -5.78 14.43 -24.31
N LYS B 83 -4.59 14.77 -23.81
CA LYS B 83 -3.74 13.72 -23.28
C LYS B 83 -4.37 13.17 -21.99
N ILE B 84 -4.07 11.91 -21.66
CA ILE B 84 -4.75 11.22 -20.57
C ILE B 84 -3.77 10.70 -19.50
N LEU B 85 -4.18 10.81 -18.24
CA LEU B 85 -3.52 10.11 -17.14
C LEU B 85 -4.55 9.17 -16.54
N THR B 86 -4.13 7.95 -16.22
CA THR B 86 -4.89 7.08 -15.38
C THR B 86 -3.91 6.31 -14.47
N ASP B 87 -4.42 5.71 -13.41
CA ASP B 87 -3.55 4.92 -12.53
C ASP B 87 -3.74 3.43 -12.71
N VAL B 88 -2.71 2.70 -12.31
CA VAL B 88 -2.64 1.26 -12.40
C VAL B 88 -2.22 0.67 -11.06
N HIS B 89 -2.93 -0.39 -10.68
CA HIS B 89 -2.75 -1.09 -9.42
C HIS B 89 -2.04 -2.46 -9.58
N GLU B 90 -2.11 -3.07 -10.77
CA GLU B 90 -1.54 -4.39 -11.03
C GLU B 90 -0.64 -4.32 -12.28
N SER B 91 0.45 -5.07 -12.25
CA SER B 91 1.45 -5.07 -13.32
C SER B 91 0.84 -5.27 -14.69
N TYR B 92 -0.09 -6.19 -14.79
CA TYR B 92 -0.47 -6.59 -16.12
C TYR B 92 -1.49 -5.65 -16.78
N GLN B 93 -1.98 -4.66 -16.03
CA GLN B 93 -2.74 -3.56 -16.61
C GLN B 93 -1.90 -2.56 -17.41
N ALA B 94 -0.60 -2.51 -17.13
CA ALA B 94 0.25 -1.40 -17.56
C ALA B 94 0.36 -1.24 -19.06
N SER B 95 0.55 -2.37 -19.72
CA SER B 95 0.81 -2.37 -21.15
C SER B 95 -0.38 -1.91 -21.95
N VAL B 96 -1.55 -2.47 -21.66
CA VAL B 96 -2.75 -2.06 -22.37
C VAL B 96 -3.13 -0.59 -22.00
N ALA B 97 -2.98 -0.19 -20.74
CA ALA B 97 -3.28 1.19 -20.34
C ALA B 97 -2.39 2.22 -21.02
N ALA B 98 -1.14 1.89 -21.23
CA ALA B 98 -0.20 2.80 -21.87
C ALA B 98 -0.53 3.05 -23.35
N LYS B 99 -1.45 2.30 -23.92
CA LYS B 99 -1.86 2.54 -25.30
C LYS B 99 -2.86 3.67 -25.37
N VAL B 100 -3.50 4.01 -24.25
CA VAL B 100 -4.44 5.16 -24.20
C VAL B 100 -3.90 6.28 -23.32
N ALA B 101 -3.30 5.93 -22.20
CA ALA B 101 -2.78 6.91 -21.25
C ALA B 101 -1.36 7.39 -21.62
N ASP B 102 -1.18 8.70 -21.61
CA ASP B 102 0.12 9.34 -21.82
C ASP B 102 0.88 9.34 -20.51
N ILE B 103 0.17 9.35 -19.38
CA ILE B 103 0.81 9.13 -18.08
C ILE B 103 0.17 7.97 -17.38
N LEU B 104 1.00 7.08 -16.79
CA LEU B 104 0.49 6.04 -15.91
C LEU B 104 0.93 6.40 -14.50
N GLN B 105 -0.03 6.44 -13.59
CA GLN B 105 0.25 6.82 -12.22
C GLN B 105 0.33 5.61 -11.30
N ILE B 106 1.39 5.58 -10.49
CA ILE B 106 1.55 4.61 -9.39
C ILE B 106 0.92 5.21 -8.11
N PRO B 107 -0.13 4.57 -7.57
CA PRO B 107 -0.75 5.06 -6.34
C PRO B 107 0.26 5.09 -5.18
N ALA B 108 0.00 5.94 -4.21
CA ALA B 108 0.93 6.23 -3.14
C ALA B 108 1.27 4.95 -2.35
N PHE B 109 0.24 4.17 -2.03
CA PHE B 109 0.41 2.93 -1.25
C PHE B 109 1.22 1.85 -2.02
N LEU B 110 1.39 2.03 -3.33
CA LEU B 110 2.12 1.08 -4.14
C LEU B 110 3.47 1.60 -4.57
N CYS B 111 3.94 2.68 -3.94
CA CYS B 111 5.08 3.40 -4.48
C CYS B 111 6.45 2.69 -4.32
N ARG B 112 6.49 1.56 -3.60
CA ARG B 112 7.71 0.76 -3.49
C ARG B 112 7.63 -0.59 -4.21
N GLN B 113 6.55 -0.81 -4.96
CA GLN B 113 6.30 -2.11 -5.59
C GLN B 113 7.05 -2.31 -6.89
N THR B 114 8.15 -3.03 -6.79
CA THR B 114 9.15 -3.14 -7.83
C THR B 114 8.63 -3.60 -9.19
N ASP B 115 7.89 -4.71 -9.20
CA ASP B 115 7.31 -5.25 -10.42
C ASP B 115 6.37 -4.24 -11.11
N LEU B 116 5.57 -3.54 -10.30
CA LEU B 116 4.66 -2.55 -10.85
C LEU B 116 5.45 -1.44 -11.52
N ILE B 117 6.46 -0.95 -10.82
CA ILE B 117 7.28 0.13 -11.33
C ILE B 117 7.99 -0.29 -12.59
N VAL B 118 8.57 -1.49 -12.54
CA VAL B 118 9.24 -2.05 -13.69
C VAL B 118 8.31 -2.18 -14.87
N GLU B 119 7.17 -2.85 -14.71
CA GLU B 119 6.24 -3.01 -15.84
C GLU B 119 5.81 -1.69 -16.42
N VAL B 120 5.44 -0.76 -15.56
CA VAL B 120 4.97 0.53 -16.01
C VAL B 120 6.07 1.26 -16.78
N SER B 121 7.29 1.16 -16.27
CA SER B 121 8.46 1.77 -16.90
C SER B 121 8.91 1.15 -18.21
N GLN B 122 8.46 -0.08 -18.49
CA GLN B 122 8.75 -0.73 -19.77
C GLN B 122 7.84 -0.23 -20.89
N THR B 123 6.76 0.47 -20.54
CA THR B 123 5.87 1.04 -21.52
C THR B 123 6.49 2.34 -21.99
N ASN B 124 5.81 3.00 -22.91
CA ASN B 124 6.24 4.28 -23.42
C ASN B 124 5.63 5.51 -22.66
N ALA B 125 4.80 5.27 -21.65
CA ALA B 125 4.18 6.35 -20.89
C ALA B 125 5.11 7.09 -19.93
N ILE B 126 4.70 8.31 -19.61
CA ILE B 126 5.30 9.01 -18.49
C ILE B 126 4.87 8.25 -17.20
N VAL B 127 5.82 8.08 -16.26
CA VAL B 127 5.56 7.46 -14.99
C VAL B 127 5.54 8.50 -13.86
N ASN B 128 4.39 8.63 -13.19
CA ASN B 128 4.20 9.53 -12.09
C ASN B 128 4.06 8.72 -10.80
N ILE B 129 5.08 8.78 -9.96
CA ILE B 129 5.11 7.98 -8.74
C ILE B 129 4.67 8.81 -7.56
N LYS B 130 3.49 8.53 -7.02
CA LYS B 130 3.02 9.23 -5.81
C LYS B 130 3.77 8.85 -4.54
N LYS B 131 4.18 9.85 -3.77
CA LYS B 131 4.90 9.57 -2.54
C LYS B 131 4.03 8.98 -1.44
N GLY B 132 4.45 7.84 -0.89
CA GLY B 132 3.73 7.23 0.20
C GLY B 132 3.55 8.20 1.36
N GLN B 133 2.41 8.07 2.05
CA GLN B 133 2.04 8.90 3.21
C GLN B 133 2.98 8.86 4.44
N PHE B 134 3.79 7.82 4.58
CA PHE B 134 4.77 7.84 5.60
C PHE B 134 6.17 7.76 5.04
N MET B 135 6.34 7.90 3.73
CA MET B 135 7.68 7.89 3.14
C MET B 135 8.42 9.20 3.44
N ASN B 136 9.71 9.07 3.77
CA ASN B 136 10.61 10.20 3.78
C ASN B 136 10.85 10.55 2.31
N PRO B 137 10.77 11.84 1.97
CA PRO B 137 10.99 12.27 0.57
C PRO B 137 12.35 11.85 -0.02
N LYS B 138 13.36 11.76 0.83
CA LYS B 138 14.68 11.30 0.40
C LYS B 138 14.62 9.87 -0.12
N ASP B 139 13.77 9.04 0.47
CA ASP B 139 13.70 7.65 0.05
C ASP B 139 12.98 7.44 -1.26
N MET B 140 12.34 8.47 -1.80
CA MET B 140 11.68 8.36 -3.09
C MET B 140 12.69 8.23 -4.25
N GLN B 141 13.94 8.59 -4.01
CA GLN B 141 14.99 8.36 -5.02
C GLN B 141 15.08 6.90 -5.46
N TYR B 142 14.80 5.95 -4.58
CA TYR B 142 14.97 4.54 -4.94
C TYR B 142 13.91 4.06 -5.93
N SER B 143 12.68 4.54 -5.75
CA SER B 143 11.58 4.28 -6.70
C SER B 143 11.83 4.91 -8.05
N VAL B 144 12.29 6.17 -8.06
CA VAL B 144 12.68 6.83 -9.31
C VAL B 144 13.78 6.01 -10.00
N LEU B 145 14.75 5.54 -9.23
CA LEU B 145 15.86 4.83 -9.83
C LEU B 145 15.46 3.48 -10.44
N LYS B 146 14.51 2.76 -9.84
CA LYS B 146 14.08 1.48 -10.44
C LYS B 146 13.46 1.73 -11.79
N ALA B 147 12.72 2.85 -11.91
CA ALA B 147 12.10 3.21 -13.16
C ALA B 147 13.16 3.63 -14.17
N LEU B 148 14.06 4.51 -13.77
CA LEU B 148 15.14 4.97 -14.66
C LEU B 148 16.03 3.84 -15.15
N LYS B 149 16.48 2.98 -14.24
CA LYS B 149 17.29 1.82 -14.63
C LYS B 149 16.59 0.92 -15.64
N THR B 150 15.30 0.72 -15.47
CA THR B 150 14.50 0.02 -16.46
C THR B 150 14.58 0.69 -17.82
N ARG B 151 14.57 2.01 -17.85
CA ARG B 151 14.62 2.76 -19.12
C ARG B 151 16.01 3.02 -19.65
N ASP B 152 17.01 2.94 -18.79
CA ASP B 152 18.40 3.17 -19.19
C ASP B 152 19.27 2.55 -18.10
N LYS B 153 19.70 1.32 -18.35
CA LYS B 153 20.40 0.53 -17.34
C LYS B 153 21.77 1.08 -16.90
N SER B 154 22.27 2.12 -17.56
CA SER B 154 23.51 2.77 -17.15
C SER B 154 23.35 3.80 -16.01
N ILE B 155 22.14 4.27 -15.75
CA ILE B 155 21.92 5.30 -14.72
C ILE B 155 22.14 4.68 -13.36
N GLN B 156 22.93 5.33 -12.52
CA GLN B 156 23.24 4.84 -11.18
C GLN B 156 22.53 5.64 -10.12
N SER B 157 22.31 6.92 -10.39
CA SER B 157 21.62 7.77 -9.44
C SER B 157 20.64 8.74 -10.16
N PRO B 158 19.46 8.95 -9.55
CA PRO B 158 18.44 9.70 -10.23
C PRO B 158 18.63 11.18 -10.07
N THR B 159 18.47 11.89 -11.16
CA THR B 159 18.54 13.31 -11.13
C THR B 159 17.35 13.88 -11.89
N TYR B 160 17.04 15.13 -11.58
CA TYR B 160 15.97 15.85 -12.22
C TYR B 160 16.05 15.76 -13.73
N GLU B 161 17.24 16.04 -14.26
CA GLU B 161 17.40 16.15 -15.71
C GLU B 161 17.26 14.81 -16.40
N THR B 162 17.68 13.75 -15.73
CA THR B 162 17.64 12.42 -16.27
C THR B 162 16.24 11.83 -16.15
N ALA B 163 15.56 12.15 -15.05
CA ALA B 163 14.16 11.74 -14.85
C ALA B 163 13.27 12.47 -15.83
N LEU B 164 13.57 13.74 -16.11
CA LEU B 164 12.79 14.50 -17.05
C LEU B 164 12.95 13.96 -18.47
N LYS B 165 14.18 13.75 -18.90
CA LYS B 165 14.38 13.17 -20.22
C LYS B 165 13.75 11.79 -20.31
N ASN B 166 13.71 11.04 -19.21
CA ASN B 166 13.18 9.67 -19.28
C ASN B 166 11.70 9.51 -18.86
N GLY B 167 11.02 10.63 -18.58
CA GLY B 167 9.60 10.63 -18.32
C GLY B 167 9.27 9.98 -17.00
N VAL B 168 9.99 10.35 -15.94
CA VAL B 168 9.66 9.87 -14.62
C VAL B 168 9.54 11.03 -13.64
N TRP B 169 8.37 11.11 -12.99
CA TRP B 169 8.00 12.22 -12.15
C TRP B 169 7.56 11.70 -10.79
N LEU B 170 7.66 12.57 -9.79
CA LEU B 170 7.32 12.30 -8.41
C LEU B 170 6.19 13.22 -8.00
N CYS B 171 5.26 12.71 -7.19
CA CYS B 171 4.06 13.45 -6.85
C CYS B 171 3.87 13.48 -5.33
N GLU B 172 3.73 14.70 -4.80
CA GLU B 172 3.46 14.95 -3.39
C GLU B 172 1.95 14.94 -3.09
N ARG B 173 1.51 14.09 -2.18
CA ARG B 173 0.09 13.99 -1.81
C ARG B 173 -0.09 14.06 -0.26
N GLY B 174 0.88 14.66 0.46
CA GLY B 174 0.81 14.75 1.93
C GLY B 174 1.41 13.58 2.71
N SER B 175 1.62 13.79 4.00
CA SER B 175 2.09 12.76 4.92
C SER B 175 1.08 12.54 6.04
N SER B 176 0.93 11.31 6.50
CA SER B 176 0.05 11.04 7.66
C SER B 176 0.58 11.74 8.91
N PHE B 177 -0.33 12.24 9.70
CA PHE B 177 0.02 13.02 10.85
C PHE B 177 -0.90 12.63 11.96
N GLY B 178 -0.46 11.68 12.77
CA GLY B 178 -1.35 11.04 13.73
C GLY B 178 -2.33 10.11 13.03
N TYR B 179 -3.52 9.96 13.61
CA TYR B 179 -4.61 9.20 12.99
C TYR B 179 -5.61 10.13 12.27
N GLY B 180 -5.94 9.83 11.02
CA GLY B 180 -6.98 10.56 10.30
C GLY B 180 -6.65 12.02 9.96
N ASN B 181 -5.36 12.31 9.74
CA ASN B 181 -4.93 13.66 9.39
C ASN B 181 -3.80 13.64 8.39
N LEU B 182 -3.77 14.63 7.50
CA LEU B 182 -2.77 14.71 6.45
C LEU B 182 -2.07 16.06 6.50
N VAL B 183 -0.74 16.05 6.56
CA VAL B 183 0.00 17.30 6.58
C VAL B 183 0.95 17.36 5.39
N VAL B 184 1.07 18.51 4.72
CA VAL B 184 2.02 18.65 3.63
C VAL B 184 3.30 19.34 4.13
N ASP B 185 4.39 18.59 4.08
CA ASP B 185 5.69 19.14 4.44
C ASP B 185 6.29 19.80 3.20
N MET B 186 6.15 21.13 3.09
CA MET B 186 6.57 21.80 1.85
C MET B 186 8.03 21.54 1.50
N ARG B 187 8.87 21.20 2.49
CA ARG B 187 10.29 20.86 2.25
C ARG B 187 10.43 19.72 1.25
N SER B 188 9.49 18.78 1.25
CA SER B 188 9.56 17.63 0.38
C SER B 188 9.53 17.94 -1.11
N LEU B 189 8.79 19.01 -1.43
CA LEU B 189 8.71 19.50 -2.79
C LEU B 189 10.12 19.81 -3.27
N LYS B 190 10.93 20.43 -2.42
CA LYS B 190 12.28 20.82 -2.83
C LYS B 190 13.21 19.61 -2.82
N ILE B 191 13.04 18.76 -1.83
CA ILE B 191 13.90 17.61 -1.73
C ILE B 191 13.70 16.59 -2.86
N MET B 192 12.45 16.32 -3.20
CA MET B 192 12.16 15.36 -4.25
C MET B 192 12.58 15.89 -5.62
N ARG B 193 12.62 17.21 -5.76
CA ARG B 193 13.02 17.82 -7.02
C ARG B 193 14.50 17.67 -7.37
N GLU B 194 15.35 17.25 -6.45
CA GLU B 194 16.70 16.86 -6.86
C GLU B 194 16.65 15.60 -7.71
N PHE B 195 15.65 14.74 -7.48
CA PHE B 195 15.58 13.44 -8.10
C PHE B 195 14.74 13.42 -9.39
N ALA B 196 13.70 14.25 -9.43
CA ALA B 196 12.72 14.19 -10.53
C ALA B 196 11.85 15.42 -10.53
N PRO B 197 11.20 15.69 -11.67
CA PRO B 197 10.11 16.65 -11.71
C PRO B 197 9.04 16.35 -10.65
N VAL B 198 8.46 17.39 -10.07
CA VAL B 198 7.56 17.25 -8.94
C VAL B 198 6.18 17.82 -9.23
N ILE B 199 5.17 17.00 -9.04
CA ILE B 199 3.78 17.40 -9.21
C ILE B 199 3.13 17.46 -7.85
N PHE B 200 2.33 18.48 -7.60
CA PHE B 200 1.65 18.62 -6.34
C PHE B 200 0.17 18.29 -6.50
N ASP B 201 -0.26 17.28 -5.75
CA ASP B 201 -1.64 16.84 -5.66
C ASP B 201 -2.37 17.65 -4.58
N ALA B 202 -3.02 18.73 -5.01
CA ALA B 202 -3.58 19.71 -4.10
C ALA B 202 -4.85 19.21 -3.37
N THR B 203 -5.62 18.33 -4.03
CA THR B 203 -6.90 17.88 -3.48
C THR B 203 -6.83 16.61 -2.63
N ALA B 204 -5.73 15.89 -2.65
CA ALA B 204 -5.66 14.70 -1.81
C ALA B 204 -5.45 15.19 -0.42
N SER B 205 -4.53 16.15 -0.37
CA SER B 205 -3.74 16.47 0.81
C SER B 205 -4.35 17.47 1.79
N VAL B 206 -5.68 17.61 1.84
CA VAL B 206 -6.31 18.68 2.64
C VAL B 206 -6.84 18.28 4.02
N GLN B 207 -6.83 16.97 4.31
CA GLN B 207 -7.78 16.33 5.26
C GLN B 207 -7.49 16.48 6.79
N MET B 208 -8.45 17.06 7.51
CA MET B 208 -8.38 17.27 8.97
C MET B 208 -9.72 16.80 9.61
N PRO B 209 -9.69 16.23 10.85
CA PRO B 209 -10.92 15.73 11.46
C PRO B 209 -11.82 16.81 12.10
N GLY B 210 -13.10 16.48 12.34
CA GLY B 210 -14.04 17.42 12.93
C GLY B 210 -15.35 16.77 13.34
N SER B 221 -10.66 22.76 -0.54
CA SER B 221 -11.05 23.81 0.42
C SER B 221 -9.78 24.47 0.97
N PHE B 222 -8.97 23.70 1.69
CA PHE B 222 -7.57 24.06 1.90
C PHE B 222 -6.73 23.84 0.64
N ALA B 223 -7.28 23.17 -0.36
CA ALA B 223 -6.58 22.95 -1.63
C ALA B 223 -6.00 24.19 -2.34
N PRO B 224 -6.78 25.27 -2.49
CA PRO B 224 -6.25 26.52 -3.08
C PRO B 224 -5.06 27.08 -2.36
N ILE B 225 -5.10 27.09 -1.03
CA ILE B 225 -4.05 27.76 -0.29
C ILE B 225 -2.75 26.95 -0.29
N LEU B 226 -2.87 25.61 -0.35
CA LEU B 226 -1.71 24.74 -0.38
C LEU B 226 -1.10 24.75 -1.77
N ALA B 227 -1.97 24.85 -2.77
CA ALA B 227 -1.51 24.96 -4.16
C ALA B 227 -0.71 26.25 -4.36
N ARG B 228 -1.16 27.34 -3.76
CA ARG B 228 -0.37 28.57 -3.79
C ARG B 228 0.95 28.42 -3.06
N ALA B 229 0.92 27.82 -1.86
CA ALA B 229 2.17 27.58 -1.14
C ALA B 229 3.12 26.75 -2.00
N ALA B 230 2.59 25.69 -2.60
CA ALA B 230 3.41 24.79 -3.41
C ALA B 230 4.03 25.54 -4.61
N ALA B 231 3.21 26.33 -5.29
CA ALA B 231 3.71 27.09 -6.42
C ALA B 231 4.82 28.03 -6.00
N ALA B 232 4.73 28.65 -4.82
CA ALA B 232 5.81 29.52 -4.33
C ALA B 232 7.11 28.79 -4.04
N VAL B 233 7.01 27.55 -3.56
CA VAL B 233 8.18 26.73 -3.27
C VAL B 233 8.88 26.29 -4.54
N GLY B 234 8.09 25.94 -5.57
CA GLY B 234 8.64 25.51 -6.85
C GLY B 234 8.18 24.09 -7.19
N ILE B 235 7.22 23.98 -8.08
CA ILE B 235 6.74 22.68 -8.51
C ILE B 235 6.72 22.68 -10.04
N ASP B 236 6.68 21.50 -10.62
CA ASP B 236 6.65 21.38 -12.07
C ASP B 236 5.26 21.24 -12.57
N GLY B 237 4.32 21.00 -11.67
CA GLY B 237 2.93 20.86 -12.06
C GLY B 237 1.97 20.62 -10.90
N LEU B 238 0.68 20.66 -11.24
CA LEU B 238 -0.39 20.53 -10.28
C LEU B 238 -1.36 19.44 -10.70
N PHE B 239 -1.79 18.65 -9.72
CA PHE B 239 -2.77 17.58 -9.91
C PHE B 239 -3.97 17.91 -9.02
N ALA B 240 -5.17 17.90 -9.58
CA ALA B 240 -6.38 18.22 -8.84
C ALA B 240 -7.59 17.42 -9.32
N GLU B 241 -8.29 16.79 -8.40
CA GLU B 241 -9.52 16.11 -8.68
C GLU B 241 -10.63 17.16 -8.78
N THR B 242 -11.42 17.06 -9.83
CA THR B 242 -12.33 18.10 -10.20
C THR B 242 -13.60 17.46 -10.73
N HIS B 243 -14.76 17.98 -10.34
CA HIS B 243 -16.07 17.41 -10.73
C HIS B 243 -17.07 18.55 -10.95
N VAL B 244 -17.92 18.43 -11.96
CA VAL B 244 -18.86 19.50 -12.27
C VAL B 244 -19.81 19.73 -11.11
N ASP B 245 -20.10 18.64 -10.40
CA ASP B 245 -21.02 18.72 -9.29
C ASP B 245 -20.66 17.74 -8.17
N PRO B 246 -19.72 18.13 -7.28
CA PRO B 246 -19.20 17.24 -6.21
C PRO B 246 -20.26 16.54 -5.35
N LYS B 247 -21.34 17.25 -5.00
CA LYS B 247 -22.45 16.63 -4.21
C LYS B 247 -23.04 15.39 -4.88
N ASN B 248 -23.02 15.32 -6.21
CA ASN B 248 -23.48 14.13 -6.93
C ASN B 248 -22.40 13.21 -7.53
N ALA B 249 -21.20 13.22 -6.96
CA ALA B 249 -20.12 12.33 -7.42
C ALA B 249 -20.25 10.95 -6.76
N LEU B 250 -19.67 9.92 -7.40
CA LEU B 250 -19.67 8.54 -6.89
C LEU B 250 -18.31 8.21 -6.27
N SER B 251 -17.78 9.11 -5.46
CA SER B 251 -16.60 8.87 -4.66
C SER B 251 -17.02 9.24 -3.25
N ASP B 252 -16.05 9.46 -2.37
CA ASP B 252 -16.29 10.35 -1.24
C ASP B 252 -16.07 11.74 -1.85
N GLY B 253 -17.17 12.49 -1.97
CA GLY B 253 -17.18 13.75 -2.73
C GLY B 253 -16.47 14.93 -2.08
N ALA B 254 -15.90 14.70 -0.89
CA ALA B 254 -15.28 15.74 -0.06
C ALA B 254 -14.04 16.39 -0.65
N ASN B 255 -13.22 15.60 -1.34
CA ASN B 255 -11.93 16.10 -1.77
C ASN B 255 -11.94 17.06 -3.00
N MET B 256 -13.01 17.07 -3.81
CA MET B 256 -12.94 17.62 -5.19
C MET B 256 -13.25 19.13 -5.39
N LEU B 257 -12.57 19.73 -6.36
CA LEU B 257 -12.83 21.11 -6.79
C LEU B 257 -13.85 21.19 -7.93
N LYS B 258 -14.59 22.29 -7.99
CA LYS B 258 -15.35 22.61 -9.19
C LYS B 258 -14.41 23.20 -10.23
N PRO B 259 -14.77 23.11 -11.51
CA PRO B 259 -14.01 23.75 -12.59
C PRO B 259 -13.64 25.22 -12.37
N ASP B 260 -14.64 26.06 -12.04
CA ASP B 260 -14.41 27.48 -11.69
C ASP B 260 -13.40 27.63 -10.57
N GLU B 261 -13.56 26.86 -9.51
CA GLU B 261 -12.59 26.86 -8.41
C GLU B 261 -11.16 26.52 -8.92
N LEU B 262 -11.04 25.55 -9.82
CA LEU B 262 -9.74 25.14 -10.34
C LEU B 262 -9.12 26.21 -11.23
N GLU B 263 -9.94 26.81 -12.10
CA GLU B 263 -9.50 27.94 -12.92
C GLU B 263 -8.86 29.04 -12.07
N GLN B 264 -9.51 29.43 -10.97
CA GLN B 264 -8.96 30.45 -10.10
C GLN B 264 -7.65 30.00 -9.49
N LEU B 265 -7.61 28.75 -9.06
CA LEU B 265 -6.41 28.24 -8.45
C LEU B 265 -5.25 28.29 -9.42
N VAL B 266 -5.52 27.87 -10.65
CA VAL B 266 -4.51 27.87 -11.70
C VAL B 266 -4.06 29.30 -12.07
N THR B 267 -5.01 30.21 -12.12
CA THR B 267 -4.70 31.63 -12.34
C THR B 267 -3.66 32.11 -11.30
N ASP B 268 -3.92 31.80 -10.04
CA ASP B 268 -3.05 32.23 -8.92
C ASP B 268 -1.66 31.56 -8.97
N MET B 269 -1.61 30.28 -9.31
CA MET B 269 -0.30 29.63 -9.45
C MET B 269 0.60 30.20 -10.52
N LEU B 270 0.03 30.52 -11.66
CA LEU B 270 0.81 31.08 -12.76
C LEU B 270 1.35 32.47 -12.40
N LYS B 271 0.57 33.28 -11.70
CA LYS B 271 1.05 34.61 -11.30
C LYS B 271 2.24 34.45 -10.37
N ILE B 272 2.12 33.52 -9.43
CA ILE B 272 3.23 33.25 -8.49
C ILE B 272 4.45 32.75 -9.27
N GLN B 273 4.26 31.79 -10.17
CA GLN B 273 5.38 31.17 -10.91
C GLN B 273 6.09 32.18 -11.79
N ASN B 274 5.33 33.13 -12.32
CA ASN B 274 5.91 34.16 -13.14
C ASN B 274 6.79 35.16 -12.37
N LEU B 275 6.68 35.22 -11.05
CA LEU B 275 7.63 35.98 -10.24
C LEU B 275 9.03 35.35 -10.20
N PHE B 276 9.13 34.03 -10.36
CA PHE B 276 10.39 33.32 -10.15
C PHE B 276 10.78 32.48 -11.37
#